data_7P9Z
#
_entry.id   7P9Z
#
_cell.length_a   61.848
_cell.length_b   68.775
_cell.length_c   68.424
_cell.angle_alpha   90.000
_cell.angle_beta   90.350
_cell.angle_gamma   90.000
#
_symmetry.space_group_name_H-M   'C 1 2 1'
#
loop_
_entity.id
_entity.type
_entity.pdbx_description
1 polymer 'N-glycosylase/DNA lyase'
2 polymer "DNA (5'-D(*TP*TP*TP*(PED)*TP*TP*TP*CP*T)-3')"
3 polymer "DNA (5'-D(*AP*GP*AP*AP*AP*AP*AP*AP*A)-3')"
4 non-polymer (4S)-2-METHYL-2,4-PENTANEDIOL
5 water water
#
loop_
_entity_poly.entity_id
_entity_poly.type
_entity_poly.pdbx_seq_one_letter_code
_entity_poly.pdbx_strand_id
1 'polypeptide(L)'
;GSHMIARIIGEIGIEGARFIEENIDEQFKALRYLSKGIDSETFVKLVIANSLVSYQLTGKGEQWWWEFAKYFYGRDVKSI
YLAYKEFLPNSRFNRRLIPQKLSRIRRVETFLSTLTEERIEEYYGDMSSLWGSIARALGVDKESKTVVFSVKMFGYAARI
VLSTFNPYPMEIPIPEDSRIVKLTKKLTNEKPRKFWMKIARESGVPPLHIDSILWPLLGGASIDSAPPELRDKLAELIKI
IR
;
A
2 'polydeoxyribonucleotide' (DT)(DT)(DT)(PED)(DT)(DT)(DT)(DC)(DT) B
3 'polydeoxyribonucleotide' (DA)(DG)(DA)(DA)(DA)(DA)(DA)(DA)(DA) I
#
loop_
_chem_comp.id
_chem_comp.type
_chem_comp.name
_chem_comp.formula
DA DNA linking 2'-DEOXYADENOSINE-5'-MONOPHOSPHATE 'C10 H14 N5 O6 P'
DC DNA linking 2'-DEOXYCYTIDINE-5'-MONOPHOSPHATE 'C9 H14 N3 O7 P'
DG DNA linking 2'-DEOXYGUANOSINE-5'-MONOPHOSPHATE 'C10 H14 N5 O7 P'
DT DNA linking THYMIDINE-5'-MONOPHOSPHATE 'C10 H15 N2 O8 P'
MPD non-polymer (4S)-2-METHYL-2,4-PENTANEDIOL 'C6 H14 O2'
PED non-polymer PENTANE-3,4-DIOL-5-PHOSPHATE 'C5 H13 O6 P'
#
# COMPACT_ATOMS: atom_id res chain seq x y z
N GLY A 1 1.02 -18.22 -18.39
CA GLY A 1 2.15 -18.53 -17.56
C GLY A 1 2.90 -17.30 -17.09
N SER A 2 4.10 -17.50 -16.56
CA SER A 2 4.88 -16.38 -16.02
C SER A 2 5.35 -15.45 -17.13
N HIS A 3 5.78 -16.01 -18.26
CA HIS A 3 6.27 -15.17 -19.35
C HIS A 3 5.17 -14.27 -19.90
N MET A 4 3.98 -14.82 -20.15
CA MET A 4 2.90 -13.99 -20.68
C MET A 4 2.52 -12.87 -19.71
N ILE A 5 2.34 -13.21 -18.43
CA ILE A 5 1.98 -12.20 -17.45
C ILE A 5 3.04 -11.12 -17.39
N ALA A 6 4.31 -11.53 -17.41
CA ALA A 6 5.39 -10.55 -17.33
C ALA A 6 5.42 -9.66 -18.57
N ARG A 7 5.13 -10.21 -19.75
CA ARG A 7 5.10 -9.38 -20.95
C ARG A 7 4.03 -8.31 -20.85
N ILE A 8 2.82 -8.69 -20.43
CA ILE A 8 1.73 -7.71 -20.35
C ILE A 8 2.02 -6.68 -19.29
N ILE A 9 2.52 -7.11 -18.14
CA ILE A 9 2.85 -6.18 -17.07
C ILE A 9 3.97 -5.23 -17.51
N GLY A 10 4.95 -5.74 -18.26
CA GLY A 10 5.99 -4.88 -18.78
C GLY A 10 5.47 -3.83 -19.74
N GLU A 11 4.47 -4.20 -20.56
CA GLU A 11 3.87 -3.24 -21.48
C GLU A 11 3.08 -2.17 -20.73
N ILE A 12 2.39 -2.57 -19.66
CA ILE A 12 1.74 -1.60 -18.78
C ILE A 12 2.78 -0.67 -18.17
N GLY A 13 3.84 -1.25 -17.62
CA GLY A 13 4.98 -0.50 -17.14
C GLY A 13 4.71 0.18 -15.80
N ILE A 14 5.78 0.77 -15.26
CA ILE A 14 5.62 1.63 -14.10
C ILE A 14 4.66 2.77 -14.43
N GLU A 15 4.72 3.28 -15.66
CA GLU A 15 3.81 4.36 -16.07
C GLU A 15 2.36 3.95 -15.89
N GLY A 16 2.01 2.75 -16.37
CA GLY A 16 0.64 2.27 -16.23
C GLY A 16 0.25 1.99 -14.79
N ALA A 17 1.17 1.43 -14.00
CA ALA A 17 0.90 1.26 -12.58
C ALA A 17 0.66 2.60 -11.92
N ARG A 18 1.50 3.59 -12.23
CA ARG A 18 1.32 4.92 -11.65
C ARG A 18 -0.03 5.52 -12.04
N PHE A 19 -0.48 5.28 -13.28
CA PHE A 19 -1.80 5.75 -13.68
C PHE A 19 -2.88 5.12 -12.80
N ILE A 20 -2.81 3.80 -12.60
CA ILE A 20 -3.83 3.13 -11.80
C ILE A 20 -3.80 3.67 -10.38
N GLU A 21 -2.60 3.81 -9.81
CA GLU A 21 -2.46 4.29 -8.45
C GLU A 21 -3.11 5.65 -8.28
N GLU A 22 -2.83 6.56 -9.22
CA GLU A 22 -3.20 7.96 -9.06
C GLU A 22 -4.59 8.30 -9.56
N ASN A 23 -5.20 7.43 -10.38
CA ASN A 23 -6.49 7.73 -10.98
C ASN A 23 -7.61 6.78 -10.58
N ILE A 24 -7.29 5.52 -10.30
CA ILE A 24 -8.29 4.48 -10.11
C ILE A 24 -8.33 3.97 -8.67
N ASP A 25 -7.18 3.78 -8.05
CA ASP A 25 -7.07 3.18 -6.72
C ASP A 25 -7.84 4.01 -5.68
N GLU A 26 -8.83 3.40 -5.03
CA GLU A 26 -9.65 4.12 -4.06
C GLU A 26 -8.88 4.46 -2.80
N GLN A 27 -7.88 3.66 -2.44
CA GLN A 27 -7.10 4.00 -1.25
C GLN A 27 -6.26 5.24 -1.48
N PHE A 28 -5.74 5.42 -2.70
CA PHE A 28 -5.05 6.67 -3.02
C PHE A 28 -6.02 7.85 -2.97
N LYS A 29 -7.26 7.67 -3.46
CA LYS A 29 -8.24 8.75 -3.38
C LYS A 29 -8.53 9.12 -1.94
N ALA A 30 -8.66 8.13 -1.06
CA ALA A 30 -8.89 8.40 0.36
C ALA A 30 -7.73 9.18 0.95
N LEU A 31 -6.50 8.77 0.64
CA LEU A 31 -5.31 9.49 1.12
C LEU A 31 -5.28 10.92 0.61
N ARG A 32 -5.60 11.11 -0.68
CA ARG A 32 -5.62 12.48 -1.18
C ARG A 32 -6.60 13.36 -0.41
N TYR A 33 -7.80 12.84 -0.13
CA TYR A 33 -8.77 13.59 0.66
C TYR A 33 -8.20 13.95 2.04
N LEU A 34 -7.67 12.96 2.75
CA LEU A 34 -7.13 13.24 4.08
C LEU A 34 -5.97 14.24 4.03
N SER A 35 -5.17 14.20 2.96
CA SER A 35 -4.01 15.10 2.89
C SER A 35 -4.41 16.56 2.84
N LYS A 36 -5.66 16.86 2.47
CA LYS A 36 -6.17 18.22 2.43
C LYS A 36 -6.76 18.67 3.77
N GLY A 37 -6.80 17.81 4.78
CA GLY A 37 -7.40 18.16 6.05
C GLY A 37 -6.55 17.93 7.28
N ILE A 38 -5.24 17.74 7.09
CA ILE A 38 -4.33 17.56 8.22
C ILE A 38 -2.92 17.83 7.71
N ASP A 39 -2.01 18.19 8.61
CA ASP A 39 -0.65 18.56 8.20
C ASP A 39 0.09 17.35 7.62
N SER A 40 1.07 17.66 6.77
CA SER A 40 1.75 16.63 5.97
CA SER A 40 1.73 16.62 5.97
C SER A 40 2.42 15.57 6.85
N GLU A 41 3.10 16.00 7.91
CA GLU A 41 3.82 15.02 8.73
C GLU A 41 2.84 14.11 9.47
N THR A 42 1.82 14.69 10.10
CA THR A 42 0.82 13.88 10.78
C THR A 42 0.12 12.94 9.81
N PHE A 43 -0.14 13.41 8.59
CA PHE A 43 -0.75 12.59 7.54
C PHE A 43 0.07 11.32 7.29
N VAL A 44 1.37 11.46 7.07
CA VAL A 44 2.20 10.29 6.79
C VAL A 44 2.26 9.35 7.99
N LYS A 45 2.41 9.91 9.20
CA LYS A 45 2.42 9.08 10.40
C LYS A 45 1.12 8.29 10.53
N LEU A 46 -0.02 8.95 10.30
CA LEU A 46 -1.31 8.27 10.37
C LEU A 46 -1.43 7.18 9.33
N VAL A 47 -0.95 7.43 8.10
CA VAL A 47 -0.99 6.40 7.07
C VAL A 47 -0.22 5.16 7.47
N ILE A 48 0.98 5.33 8.03
CA ILE A 48 1.75 4.15 8.48
C ILE A 48 1.03 3.43 9.62
N ALA A 49 0.58 4.18 10.63
CA ALA A 49 -0.15 3.58 11.75
C ALA A 49 -1.38 2.82 11.24
N ASN A 50 -2.12 3.42 10.31
CA ASN A 50 -3.31 2.76 9.81
C ASN A 50 -2.95 1.45 9.11
N SER A 51 -1.86 1.48 8.33
CA SER A 51 -1.45 0.26 7.62
C SER A 51 -1.12 -0.84 8.60
N LEU A 52 -0.48 -0.50 9.72
CA LEU A 52 -0.07 -1.52 10.68
C LEU A 52 -1.24 -2.13 11.43
N VAL A 53 -2.43 -1.53 11.38
CA VAL A 53 -3.62 -2.14 11.95
C VAL A 53 -4.58 -2.64 10.88
N SER A 54 -4.13 -2.66 9.61
CA SER A 54 -4.98 -3.08 8.49
C SER A 54 -4.80 -4.57 8.22
N TYR A 55 -5.27 -5.36 9.18
CA TYR A 55 -5.26 -6.80 9.03
C TYR A 55 -6.50 -7.35 9.71
N GLN A 56 -6.99 -8.48 9.19
CA GLN A 56 -8.20 -9.10 9.70
C GLN A 56 -9.31 -8.07 9.91
N LEU A 57 -9.60 -7.33 8.83
CA LEU A 57 -10.61 -6.29 8.85
C LEU A 57 -12.02 -6.88 8.90
N THR A 58 -12.98 -6.02 9.25
CA THR A 58 -14.38 -6.34 9.16
C THR A 58 -15.00 -5.50 8.04
N GLY A 59 -14.38 -5.51 6.88
CA GLY A 59 -14.82 -4.75 5.73
C GLY A 59 -13.81 -4.87 4.63
N LYS A 60 -14.19 -4.36 3.46
CA LYS A 60 -13.24 -4.29 2.36
C LYS A 60 -12.19 -3.21 2.64
N GLY A 61 -11.00 -3.39 2.05
CA GLY A 61 -9.94 -2.41 2.20
C GLY A 61 -10.36 -1.02 1.76
N GLU A 62 -11.11 -0.93 0.67
CA GLU A 62 -11.51 0.40 0.18
C GLU A 62 -12.48 1.08 1.16
N GLN A 63 -13.39 0.33 1.76
CA GLN A 63 -14.28 0.92 2.75
C GLN A 63 -13.51 1.37 3.98
N TRP A 64 -12.56 0.53 4.43
CA TRP A 64 -11.78 0.84 5.61
C TRP A 64 -10.93 2.09 5.41
N TRP A 65 -10.23 2.20 4.28
CA TRP A 65 -9.39 3.37 4.08
C TRP A 65 -10.21 4.66 3.96
N TRP A 66 -11.40 4.58 3.36
CA TRP A 66 -12.25 5.76 3.35
C TRP A 66 -12.77 6.10 4.74
N GLU A 67 -13.07 5.11 5.57
CA GLU A 67 -13.51 5.40 6.93
C GLU A 67 -12.40 6.10 7.71
N PHE A 68 -11.16 5.62 7.56
CA PHE A 68 -9.99 6.27 8.14
C PHE A 68 -9.84 7.71 7.69
N ALA A 69 -9.92 7.95 6.36
CA ALA A 69 -9.68 9.29 5.83
C ALA A 69 -10.77 10.25 6.26
N LYS A 70 -12.02 9.82 6.22
CA LYS A 70 -13.13 10.68 6.63
C LYS A 70 -13.11 10.94 8.13
N TYR A 71 -12.63 9.99 8.92
CA TYR A 71 -12.60 10.20 10.36
C TYR A 71 -11.59 11.27 10.74
N PHE A 72 -10.40 11.23 10.14
CA PHE A 72 -9.31 12.09 10.60
C PHE A 72 -9.29 13.47 9.95
N TYR A 73 -10.04 13.69 8.86
CA TYR A 73 -10.02 15.00 8.21
C TYR A 73 -10.42 16.09 9.20
N GLY A 74 -9.55 17.11 9.34
CA GLY A 74 -9.83 18.24 10.20
C GLY A 74 -9.61 18.00 11.68
N ARG A 75 -9.15 16.82 12.08
CA ARG A 75 -8.97 16.53 13.50
C ARG A 75 -7.63 17.06 14.00
N ASP A 76 -7.60 17.38 15.29
CA ASP A 76 -6.37 17.76 15.99
C ASP A 76 -5.77 16.50 16.59
N VAL A 77 -4.70 16.00 15.98
CA VAL A 77 -4.06 14.76 16.40
C VAL A 77 -2.77 15.12 17.11
N LYS A 78 -2.64 14.68 18.36
CA LYS A 78 -1.38 14.78 19.08
C LYS A 78 -0.81 13.38 19.15
N SER A 79 -1.12 12.60 20.18
CA SER A 79 -0.66 11.22 20.22
C SER A 79 -1.38 10.40 19.17
N ILE A 80 -0.61 9.70 18.34
CA ILE A 80 -1.21 8.75 17.40
C ILE A 80 -1.92 7.63 18.15
N TYR A 81 -1.32 7.17 19.25
CA TYR A 81 -1.91 6.09 20.03
C TYR A 81 -3.26 6.50 20.62
N LEU A 82 -3.31 7.67 21.25
CA LEU A 82 -4.57 8.13 21.84
C LEU A 82 -5.62 8.36 20.75
N ALA A 83 -5.20 8.88 19.59
CA ALA A 83 -6.12 9.05 18.49
C ALA A 83 -6.74 7.73 18.08
N TYR A 84 -5.93 6.67 18.02
CA TYR A 84 -6.45 5.36 17.63
C TYR A 84 -7.27 4.71 18.74
N LYS A 85 -6.92 4.98 20.00
CA LYS A 85 -7.72 4.46 21.11
C LYS A 85 -9.15 4.95 21.04
N GLU A 86 -9.36 6.16 20.54
CA GLU A 86 -10.72 6.68 20.37
C GLU A 86 -11.34 6.23 19.05
N PHE A 87 -10.53 6.09 18.00
CA PHE A 87 -11.05 5.81 16.66
C PHE A 87 -11.48 4.36 16.50
N LEU A 88 -10.59 3.41 16.79
CA LEU A 88 -10.88 2.01 16.47
C LEU A 88 -12.12 1.45 17.14
N PRO A 89 -12.38 1.67 18.43
CA PRO A 89 -13.54 1.01 19.05
C PRO A 89 -14.88 1.45 18.48
N ASN A 90 -14.93 2.59 17.79
CA ASN A 90 -16.15 3.06 17.16
C ASN A 90 -16.19 2.78 15.66
N SER A 91 -15.11 2.23 15.11
CA SER A 91 -15.05 1.99 13.68
CA SER A 91 -15.03 1.97 13.68
C SER A 91 -16.03 0.90 13.27
N ARG A 92 -16.46 0.95 12.00
CA ARG A 92 -17.30 -0.09 11.43
C ARG A 92 -16.47 -1.20 10.79
N PHE A 93 -15.38 -0.85 10.12
CA PHE A 93 -14.67 -1.80 9.26
C PHE A 93 -13.41 -2.37 9.87
N ASN A 94 -13.12 -2.06 11.14
CA ASN A 94 -11.94 -2.62 11.79
C ASN A 94 -12.25 -2.93 13.26
N ARG A 95 -13.11 -3.94 13.48
CA ARG A 95 -13.60 -4.24 14.82
C ARG A 95 -12.88 -5.39 15.52
N ARG A 96 -12.04 -6.16 14.82
CA ARG A 96 -11.37 -7.32 15.40
C ARG A 96 -10.01 -6.93 15.98
N LEU A 97 -9.66 -7.54 17.11
CA LEU A 97 -8.30 -7.48 17.65
C LEU A 97 -7.89 -6.06 18.01
N ILE A 98 -8.82 -5.24 18.48
CA ILE A 98 -8.51 -3.83 18.74
C ILE A 98 -7.43 -3.64 19.80
N PRO A 99 -7.49 -4.30 20.97
CA PRO A 99 -6.40 -4.10 21.96
C PRO A 99 -5.03 -4.43 21.38
N GLN A 100 -4.92 -5.52 20.63
CA GLN A 100 -3.65 -5.89 19.99
C GLN A 100 -3.21 -4.81 19.01
N LYS A 101 -4.14 -4.31 18.21
CA LYS A 101 -3.79 -3.28 17.23
C LYS A 101 -3.33 -2.00 17.90
N LEU A 102 -4.02 -1.60 18.98
CA LEU A 102 -3.61 -0.40 19.72
C LEU A 102 -2.22 -0.57 20.30
N SER A 103 -1.87 -1.79 20.73
CA SER A 103 -0.55 -2.03 21.28
CA SER A 103 -0.55 -2.04 21.28
C SER A 103 0.53 -1.90 20.21
N ARG A 104 0.24 -2.28 18.97
CA ARG A 104 1.19 -2.05 17.88
C ARG A 104 1.46 -0.56 17.70
N ILE A 105 0.42 0.25 17.79
CA ILE A 105 0.58 1.69 17.60
C ILE A 105 1.37 2.30 18.75
N ARG A 106 1.07 1.91 19.99
CA ARG A 106 1.84 2.41 21.12
C ARG A 106 3.32 2.10 20.95
N ARG A 107 3.63 0.94 20.39
CA ARG A 107 5.01 0.51 20.24
C ARG A 107 5.73 1.26 19.13
N VAL A 108 5.03 1.59 18.04
CA VAL A 108 5.64 2.27 16.91
C VAL A 108 5.63 3.78 17.07
N GLU A 109 4.98 4.30 18.13
CA GLU A 109 4.79 5.74 18.29
C GLU A 109 6.11 6.50 18.24
N THR A 110 7.13 6.01 18.94
CA THR A 110 8.40 6.72 18.95
C THR A 110 8.99 6.82 17.55
N PHE A 111 9.04 5.71 16.83
CA PHE A 111 9.56 5.74 15.47
C PHE A 111 8.77 6.70 14.59
N LEU A 112 7.43 6.69 14.71
CA LEU A 112 6.64 7.63 13.92
C LEU A 112 7.02 9.08 14.21
N SER A 113 7.41 9.39 15.43
CA SER A 113 7.79 10.77 15.75
C SER A 113 9.08 11.21 15.06
N THR A 114 9.84 10.29 14.47
CA THR A 114 11.04 10.68 13.73
C THR A 114 10.72 11.12 12.31
N LEU A 115 9.46 10.99 11.89
CA LEU A 115 9.07 11.30 10.52
C LEU A 115 8.79 12.81 10.37
N THR A 116 9.88 13.58 10.40
CA THR A 116 9.85 14.97 9.95
C THR A 116 9.72 15.00 8.43
N GLU A 117 9.48 16.19 7.87
CA GLU A 117 9.34 16.25 6.42
C GLU A 117 10.62 15.80 5.73
N GLU A 118 11.78 16.19 6.27
CA GLU A 118 13.05 15.77 5.66
C GLU A 118 13.24 14.26 5.77
N ARG A 119 12.93 13.68 6.93
CA ARG A 119 13.10 12.24 7.08
C ARG A 119 12.15 11.49 6.15
N ILE A 120 10.95 12.02 5.93
CA ILE A 120 10.02 11.46 4.94
C ILE A 120 10.65 11.49 3.55
N GLU A 121 11.25 12.63 3.19
CA GLU A 121 11.95 12.72 1.90
C GLU A 121 13.06 11.69 1.81
N GLU A 122 13.88 11.58 2.85
CA GLU A 122 14.97 10.60 2.85
C GLU A 122 14.44 9.18 2.67
N TYR A 123 13.40 8.82 3.40
CA TYR A 123 12.85 7.48 3.27
C TYR A 123 12.21 7.25 1.91
N TYR A 124 11.59 8.28 1.33
CA TYR A 124 10.99 8.08 0.02
C TYR A 124 12.05 7.85 -1.04
N GLY A 125 13.23 8.43 -0.86
CA GLY A 125 14.37 8.13 -1.72
C GLY A 125 15.05 6.80 -1.44
N ASP A 126 14.73 6.15 -0.31
CA ASP A 126 15.38 4.90 0.08
C ASP A 126 14.36 4.06 0.86
N MET A 127 13.32 3.58 0.17
CA MET A 127 12.24 2.89 0.86
C MET A 127 12.67 1.57 1.48
N SER A 128 13.74 0.95 0.97
CA SER A 128 14.25 -0.25 1.63
C SER A 128 14.74 0.04 3.04
N SER A 129 15.27 1.24 3.29
CA SER A 129 15.66 1.58 4.66
CA SER A 129 15.65 1.60 4.66
CA SER A 129 15.65 1.60 4.66
C SER A 129 14.43 1.77 5.54
N LEU A 130 13.35 2.35 4.99
CA LEU A 130 12.13 2.48 5.76
C LEU A 130 11.56 1.10 6.09
N TRP A 131 11.63 0.19 5.12
CA TRP A 131 11.15 -1.18 5.29
C TRP A 131 11.80 -1.84 6.50
N GLY A 132 13.13 -1.77 6.57
CA GLY A 132 13.85 -2.37 7.69
C GLY A 132 13.58 -1.65 8.99
N SER A 133 13.46 -0.32 8.94
CA SER A 133 13.26 0.47 10.15
C SER A 133 11.89 0.22 10.79
N ILE A 134 10.82 0.15 9.99
CA ILE A 134 9.51 -0.20 10.54
C ILE A 134 9.55 -1.56 11.20
N ALA A 135 10.17 -2.54 10.54
CA ALA A 135 10.25 -3.87 11.11
C ALA A 135 10.97 -3.86 12.46
N ARG A 136 12.09 -3.13 12.54
CA ARG A 136 12.84 -3.05 13.79
C ARG A 136 12.05 -2.33 14.88
N ALA A 137 11.31 -1.27 14.53
CA ALA A 137 10.52 -0.56 15.53
C ALA A 137 9.49 -1.49 16.17
N LEU A 138 8.90 -2.39 15.38
CA LEU A 138 7.91 -3.35 15.86
C LEU A 138 8.54 -4.64 16.40
N GLY A 139 9.80 -4.88 16.09
CA GLY A 139 10.45 -6.12 16.49
C GLY A 139 9.95 -7.33 15.74
N VAL A 140 9.68 -7.20 14.45
CA VAL A 140 9.05 -8.25 13.65
C VAL A 140 9.84 -8.46 12.37
N ASP A 141 9.46 -9.50 11.63
CA ASP A 141 10.08 -9.81 10.35
C ASP A 141 9.63 -8.80 9.31
N LYS A 142 10.57 -8.28 8.52
CA LYS A 142 10.17 -7.29 7.53
C LYS A 142 9.32 -7.89 6.40
N GLU A 143 9.39 -9.20 6.19
CA GLU A 143 8.55 -9.82 5.16
C GLU A 143 7.08 -9.93 5.57
N SER A 144 6.71 -9.52 6.77
CA SER A 144 5.33 -9.67 7.21
C SER A 144 4.41 -8.72 6.45
N LYS A 145 3.18 -9.19 6.26
CA LYS A 145 2.22 -8.52 5.39
C LYS A 145 2.07 -7.05 5.73
N THR A 146 1.82 -6.72 7.00
CA THR A 146 1.49 -5.34 7.31
C THR A 146 2.70 -4.41 7.23
N VAL A 147 3.91 -4.93 7.44
CA VAL A 147 5.11 -4.11 7.27
C VAL A 147 5.30 -3.76 5.80
N VAL A 148 5.23 -4.76 4.92
CA VAL A 148 5.34 -4.49 3.49
C VAL A 148 4.25 -3.52 3.04
N PHE A 149 3.01 -3.77 3.49
CA PHE A 149 1.89 -2.91 3.12
C PHE A 149 2.09 -1.47 3.62
N SER A 150 2.69 -1.30 4.79
CA SER A 150 2.94 0.06 5.29
C SER A 150 3.93 0.80 4.41
N VAL A 151 4.91 0.10 3.82
CA VAL A 151 5.81 0.76 2.88
C VAL A 151 5.06 1.17 1.64
N LYS A 152 4.19 0.30 1.12
CA LYS A 152 3.39 0.65 -0.04
C LYS A 152 2.56 1.89 0.21
N MET A 153 1.85 1.92 1.34
CA MET A 153 1.01 3.06 1.64
C MET A 153 1.82 4.31 1.95
N PHE A 154 2.99 4.16 2.59
CA PHE A 154 3.90 5.29 2.73
C PHE A 154 4.24 5.89 1.38
N GLY A 155 4.48 5.04 0.38
CA GLY A 155 4.81 5.53 -0.93
C GLY A 155 3.71 6.39 -1.54
N TYR A 156 2.44 6.03 -1.27
CA TYR A 156 1.32 6.86 -1.73
C TYR A 156 1.32 8.20 -1.00
N ALA A 157 1.44 8.17 0.32
CA ALA A 157 1.37 9.39 1.11
C ALA A 157 2.53 10.32 0.81
N ALA A 158 3.75 9.78 0.72
CA ALA A 158 4.92 10.59 0.45
C ALA A 158 4.83 11.27 -0.91
N ARG A 159 4.33 10.56 -1.92
CA ARG A 159 4.26 11.16 -3.24
C ARG A 159 3.29 12.34 -3.25
N ILE A 160 2.21 12.25 -2.48
CA ILE A 160 1.26 13.34 -2.35
C ILE A 160 1.92 14.55 -1.69
N VAL A 161 2.56 14.33 -0.53
CA VAL A 161 3.06 15.48 0.22
C VAL A 161 4.31 16.08 -0.40
N LEU A 162 5.12 15.27 -1.08
CA LEU A 162 6.37 15.75 -1.68
C LEU A 162 6.20 16.13 -3.14
N SER A 163 5.03 15.90 -3.72
CA SER A 163 4.76 16.21 -5.13
CA SER A 163 4.75 16.16 -5.14
C SER A 163 5.90 15.73 -6.03
N THR A 164 6.32 14.48 -5.83
CA THR A 164 7.31 13.85 -6.69
C THR A 164 7.15 12.35 -6.55
N PHE A 165 7.68 11.63 -7.53
CA PHE A 165 7.49 10.18 -7.65
C PHE A 165 8.83 9.47 -7.65
N ASN A 166 8.95 8.45 -6.80
CA ASN A 166 10.07 7.50 -6.82
C ASN A 166 9.44 6.11 -6.90
N PRO A 167 9.88 5.25 -7.82
CA PRO A 167 9.32 3.90 -7.90
C PRO A 167 9.68 3.09 -6.66
N TYR A 168 8.83 2.13 -6.32
CA TYR A 168 9.16 1.21 -5.24
C TYR A 168 10.40 0.40 -5.61
N PRO A 169 11.22 0.01 -4.63
CA PRO A 169 12.41 -0.81 -4.94
C PRO A 169 12.00 -2.18 -5.44
N MET A 170 12.80 -2.72 -6.36
CA MET A 170 12.53 -4.05 -6.90
CA MET A 170 12.56 -4.06 -6.90
C MET A 170 12.59 -5.13 -5.82
N GLU A 171 13.36 -4.93 -4.76
CA GLU A 171 13.58 -5.99 -3.78
CA GLU A 171 13.58 -5.98 -3.77
C GLU A 171 12.42 -6.17 -2.81
N ILE A 172 11.52 -5.20 -2.67
CA ILE A 172 10.39 -5.34 -1.76
C ILE A 172 9.29 -6.17 -2.40
N PRO A 173 8.92 -7.32 -1.82
CA PRO A 173 7.99 -8.23 -2.49
C PRO A 173 6.53 -7.81 -2.35
N ILE A 174 5.68 -8.49 -3.11
CA ILE A 174 4.24 -8.28 -2.89
C ILE A 174 3.89 -8.80 -1.51
N PRO A 175 3.05 -8.10 -0.74
CA PRO A 175 2.65 -8.64 0.57
C PRO A 175 2.01 -10.01 0.42
N GLU A 176 2.38 -10.92 1.32
CA GLU A 176 1.91 -12.30 1.26
C GLU A 176 0.79 -12.51 2.26
N ASP A 177 -0.32 -13.06 1.78
CA ASP A 177 -1.46 -13.39 2.62
C ASP A 177 -2.36 -14.33 1.85
N SER A 178 -3.48 -14.71 2.47
CA SER A 178 -4.39 -15.70 1.86
C SER A 178 -4.91 -15.25 0.50
N ARG A 179 -4.91 -13.94 0.23
CA ARG A 179 -5.47 -13.41 -1.00
C ARG A 179 -4.55 -13.63 -2.20
N ILE A 180 -3.25 -13.30 -2.07
CA ILE A 180 -2.33 -13.52 -3.18
C ILE A 180 -2.06 -15.01 -3.37
N VAL A 181 -2.10 -15.78 -2.28
CA VAL A 181 -1.99 -17.23 -2.41
C VAL A 181 -3.09 -17.77 -3.32
N LYS A 182 -4.33 -17.31 -3.10
CA LYS A 182 -5.46 -17.79 -3.89
C LYS A 182 -5.38 -17.33 -5.34
N LEU A 183 -5.00 -16.07 -5.58
CA LEU A 183 -4.85 -15.61 -6.96
C LEU A 183 -3.77 -16.39 -7.68
N THR A 184 -2.62 -16.60 -7.03
CA THR A 184 -1.53 -17.33 -7.67
C THR A 184 -1.96 -18.75 -8.02
N LYS A 185 -2.71 -19.42 -7.13
CA LYS A 185 -3.17 -20.78 -7.40
C LYS A 185 -4.12 -20.84 -8.58
N LYS A 186 -4.84 -19.74 -8.84
CA LYS A 186 -5.67 -19.67 -10.04
C LYS A 186 -4.82 -19.72 -11.30
N LEU A 187 -3.61 -19.19 -11.23
CA LEU A 187 -2.76 -18.97 -12.41
C LEU A 187 -1.71 -20.04 -12.64
N THR A 188 -1.15 -20.63 -11.57
CA THR A 188 0.03 -21.46 -11.73
C THR A 188 0.18 -22.37 -10.52
N ASN A 189 0.97 -23.43 -10.69
CA ASN A 189 1.42 -24.25 -9.58
C ASN A 189 2.69 -23.73 -8.91
N GLU A 190 3.28 -22.65 -9.41
CA GLU A 190 4.50 -22.12 -8.81
C GLU A 190 4.18 -21.42 -7.49
N LYS A 191 5.12 -21.51 -6.54
CA LYS A 191 4.92 -20.88 -5.25
C LYS A 191 4.86 -19.36 -5.41
N PRO A 192 4.04 -18.67 -4.61
CA PRO A 192 3.73 -17.25 -4.92
C PRO A 192 4.92 -16.31 -4.85
N ARG A 193 5.73 -16.38 -3.80
CA ARG A 193 6.84 -15.44 -3.66
C ARG A 193 7.78 -15.54 -4.85
N LYS A 194 8.19 -16.77 -5.18
CA LYS A 194 9.03 -17.03 -6.33
C LYS A 194 8.38 -16.53 -7.61
N PHE A 195 7.10 -16.85 -7.80
CA PHE A 195 6.39 -16.49 -9.02
C PHE A 195 6.39 -14.97 -9.23
N TRP A 196 5.94 -14.21 -8.24
CA TRP A 196 5.77 -12.77 -8.46
C TRP A 196 7.10 -12.04 -8.52
N MET A 197 8.12 -12.49 -7.79
CA MET A 197 9.44 -11.87 -7.93
CA MET A 197 9.43 -11.87 -7.93
C MET A 197 9.99 -12.10 -9.33
N LYS A 198 9.79 -13.30 -9.87
CA LYS A 198 10.19 -13.57 -11.25
C LYS A 198 9.43 -12.66 -12.22
N ILE A 199 8.13 -12.51 -12.01
CA ILE A 199 7.33 -11.62 -12.86
C ILE A 199 7.86 -10.19 -12.77
N ALA A 200 8.15 -9.73 -11.55
CA ALA A 200 8.63 -8.36 -11.38
C ALA A 200 9.97 -8.16 -12.08
N ARG A 201 10.89 -9.12 -11.95
CA ARG A 201 12.19 -8.93 -12.58
C ARG A 201 12.09 -8.98 -14.09
N GLU A 202 11.29 -9.91 -14.62
CA GLU A 202 11.19 -10.05 -16.07
C GLU A 202 10.51 -8.83 -16.69
N SER A 203 9.48 -8.31 -16.03
CA SER A 203 8.72 -7.18 -16.57
C SER A 203 9.40 -5.85 -16.31
N GLY A 204 10.31 -5.77 -15.35
CA GLY A 204 10.85 -4.49 -14.94
C GLY A 204 9.93 -3.64 -14.10
N VAL A 205 8.83 -4.20 -13.61
CA VAL A 205 7.89 -3.47 -12.76
C VAL A 205 8.04 -3.96 -11.33
N PRO A 206 8.45 -3.10 -10.39
CA PRO A 206 8.67 -3.56 -9.02
C PRO A 206 7.43 -4.21 -8.44
N PRO A 207 7.61 -5.18 -7.53
CA PRO A 207 6.46 -5.92 -6.99
C PRO A 207 5.37 -5.05 -6.39
N LEU A 208 5.72 -3.97 -5.69
CA LEU A 208 4.67 -3.14 -5.10
C LEU A 208 3.87 -2.37 -6.13
N HIS A 209 4.46 -2.09 -7.31
CA HIS A 209 3.65 -1.53 -8.39
C HIS A 209 2.76 -2.58 -9.04
N ILE A 210 3.23 -3.83 -9.12
CA ILE A 210 2.34 -4.92 -9.56
C ILE A 210 1.15 -5.03 -8.61
N ASP A 211 1.42 -4.94 -7.30
CA ASP A 211 0.35 -4.96 -6.31
C ASP A 211 -0.73 -3.92 -6.61
N SER A 212 -0.32 -2.73 -7.04
CA SER A 212 -1.28 -1.68 -7.38
C SER A 212 -2.14 -2.05 -8.56
N ILE A 213 -1.57 -2.73 -9.54
CA ILE A 213 -2.33 -3.11 -10.73
C ILE A 213 -3.34 -4.20 -10.40
N LEU A 214 -2.94 -5.20 -9.61
CA LEU A 214 -3.72 -6.41 -9.46
C LEU A 214 -5.08 -6.15 -8.80
N TRP A 215 -5.08 -5.51 -7.64
CA TRP A 215 -6.31 -5.59 -6.83
C TRP A 215 -7.50 -4.77 -7.37
N PRO A 216 -7.28 -3.54 -7.87
CA PRO A 216 -8.42 -2.84 -8.51
C PRO A 216 -8.97 -3.56 -9.73
N LEU A 217 -8.10 -4.11 -10.56
CA LEU A 217 -8.55 -4.83 -11.74
C LEU A 217 -9.31 -6.09 -11.33
N LEU A 218 -8.79 -6.82 -10.34
CA LEU A 218 -9.44 -8.03 -9.86
C LEU A 218 -10.78 -7.71 -9.20
N GLY A 219 -10.86 -6.58 -8.51
CA GLY A 219 -12.09 -6.18 -7.86
C GLY A 219 -13.14 -5.57 -8.76
N GLY A 220 -12.85 -5.42 -10.05
CA GLY A 220 -13.81 -4.90 -10.99
C GLY A 220 -13.81 -3.41 -11.17
N ALA A 221 -12.74 -2.71 -10.74
CA ALA A 221 -12.67 -1.29 -11.00
C ALA A 221 -12.65 -1.04 -12.50
N SER A 222 -13.29 0.05 -12.90
CA SER A 222 -13.36 0.36 -14.33
C SER A 222 -12.00 0.82 -14.83
N ILE A 223 -11.64 0.33 -16.02
CA ILE A 223 -10.45 0.79 -16.73
C ILE A 223 -10.78 1.78 -17.83
N ASP A 224 -12.05 2.19 -17.92
CA ASP A 224 -12.49 2.96 -19.08
C ASP A 224 -11.81 4.33 -19.16
N SER A 225 -11.37 4.88 -18.03
CA SER A 225 -10.71 6.17 -18.04
C SER A 225 -9.25 6.11 -18.48
N ALA A 226 -8.68 4.92 -18.61
CA ALA A 226 -7.32 4.82 -19.12
C ALA A 226 -7.29 5.22 -20.60
N PRO A 227 -6.25 5.90 -21.05
CA PRO A 227 -6.14 6.22 -22.48
C PRO A 227 -6.14 4.96 -23.32
N PRO A 228 -6.53 5.05 -24.60
CA PRO A 228 -6.81 3.84 -25.39
C PRO A 228 -5.71 2.77 -25.39
N GLU A 229 -4.44 3.15 -25.52
CA GLU A 229 -3.39 2.14 -25.59
C GLU A 229 -3.22 1.43 -24.25
N LEU A 230 -3.14 2.20 -23.16
CA LEU A 230 -3.06 1.59 -21.84
C LEU A 230 -4.30 0.76 -21.52
N ARG A 231 -5.48 1.28 -21.89
CA ARG A 231 -6.73 0.54 -21.65
C ARG A 231 -6.69 -0.86 -22.28
N ASP A 232 -6.16 -0.97 -23.51
CA ASP A 232 -6.03 -2.27 -24.14
CA ASP A 232 -6.03 -2.27 -24.16
C ASP A 232 -5.14 -3.21 -23.34
N LYS A 233 -4.01 -2.71 -22.85
CA LYS A 233 -3.12 -3.56 -22.05
C LYS A 233 -3.77 -3.99 -20.74
N LEU A 234 -4.51 -3.08 -20.10
CA LEU A 234 -5.23 -3.44 -18.87
C LEU A 234 -6.31 -4.47 -19.14
N ALA A 235 -7.03 -4.33 -20.26
CA ALA A 235 -8.01 -5.34 -20.64
C ALA A 235 -7.35 -6.70 -20.82
N GLU A 236 -6.14 -6.72 -21.38
CA GLU A 236 -5.43 -7.98 -21.57
C GLU A 236 -5.04 -8.60 -20.23
N LEU A 237 -4.61 -7.78 -19.26
CA LEU A 237 -4.30 -8.29 -17.94
C LEU A 237 -5.55 -8.82 -17.24
N ILE A 238 -6.68 -8.12 -17.40
CA ILE A 238 -7.94 -8.58 -16.82
C ILE A 238 -8.29 -9.97 -17.35
N LYS A 239 -8.08 -10.19 -18.65
CA LYS A 239 -8.34 -11.50 -19.22
C LYS A 239 -7.52 -12.59 -18.56
N ILE A 240 -6.34 -12.24 -18.01
CA ILE A 240 -5.45 -13.23 -17.41
C ILE A 240 -5.81 -13.48 -15.94
N ILE A 241 -6.15 -12.44 -15.20
CA ILE A 241 -6.28 -12.56 -13.74
C ILE A 241 -7.70 -12.71 -13.24
N ARG A 242 -8.69 -12.29 -14.02
CA ARG A 242 -10.06 -12.31 -13.53
C ARG A 242 -10.88 -13.37 -14.27
P PED B 4 -10.05 -12.48 4.13
O1P PED B 4 -10.79 -11.27 3.63
O2P PED B 4 -10.62 -13.73 3.49
O5' PED B 4 -8.46 -12.33 3.74
C2' PED B 4 -5.18 -9.06 2.65
C5' PED B 4 -7.78 -11.26 4.34
C4' PED B 4 -6.96 -10.63 3.23
O4' PED B 4 -7.80 -9.95 2.33
C3' PED B 4 -5.95 -9.66 3.82
C1' PED B 4 -4.36 -7.85 3.08
O3' PED B 4 -5.08 -10.35 4.70
C1 MPD D . 4.46 14.24 -8.84
C2 MPD D . 3.02 14.75 -8.89
O2 MPD D . 3.03 16.16 -8.55
CM MPD D . 2.44 14.61 -10.28
C3 MPD D . 2.20 14.00 -7.84
C4 MPD D . 1.45 12.78 -8.35
O4 MPD D . 2.35 11.83 -8.84
C5 MPD D . 0.62 12.15 -7.24
#